data_4XBO
#
_entry.id   4XBO
#
_cell.length_a   113.863
_cell.length_b   136.571
_cell.length_c   99.612
_cell.angle_alpha   90.00
_cell.angle_beta   90.00
_cell.angle_gamma   90.00
#
_symmetry.space_group_name_H-M   'C 2 2 21'
#
loop_
_entity.id
_entity.type
_entity.pdbx_description
1 polymer "tRNA (cytidine/uridine-2'-O-)-methyltransferase TrmJ"
2 non-polymer S-ADENOSYL-L-HOMOCYSTEINE
3 water water
#
_entity_poly.entity_id   1
_entity_poly.type   'polypeptide(L)'
_entity_poly.pdbx_seq_one_letter_code
;MLQNIRIVLVETSHTGNMGSVARAMKTMGLTNLWLVNPLVKPDSQAIALAAGASDVIGNAHIVDTLDEALAGCSLVVGTS
ARSRTLPWPMLDPRECGLKSVAEAANTPVALVFGRERVGLTNEELQKCHYHVAIAANPEYSSLNLAMAVQVIAYEVRMAW
LATQENGEQVEHEETPYPLVDDLERFYGHLEQTLLATGFIRENHPGQVMNKLRRLFTRARPESQELNILRGILASIEQQN
KGNKAELEHHHHHH
;
_entity_poly.pdbx_strand_id   A,B
#
# COMPACT_ATOMS: atom_id res chain seq x y z
N MET A 1 2.60 -16.18 -21.37
CA MET A 1 1.76 -15.02 -21.65
C MET A 1 0.45 -15.09 -20.86
N LEU A 2 -0.06 -13.92 -20.49
CA LEU A 2 -1.20 -13.81 -19.58
C LEU A 2 -2.51 -14.39 -20.13
N GLN A 3 -2.67 -14.39 -21.46
CA GLN A 3 -3.93 -14.86 -22.03
C GLN A 3 -4.06 -16.38 -21.85
N ASN A 4 -2.91 -17.04 -21.65
CA ASN A 4 -2.88 -18.48 -21.38
C ASN A 4 -3.24 -18.89 -19.95
N ILE A 5 -3.45 -17.90 -19.07
CA ILE A 5 -3.84 -18.19 -17.70
C ILE A 5 -5.35 -18.26 -17.58
N ARG A 6 -5.90 -19.45 -17.35
CA ARG A 6 -7.35 -19.56 -17.24
C ARG A 6 -7.81 -19.38 -15.80
N ILE A 7 -8.67 -18.39 -15.55
CA ILE A 7 -9.39 -18.31 -14.29
C ILE A 7 -10.64 -19.16 -14.44
N VAL A 8 -10.74 -20.23 -13.66
CA VAL A 8 -11.87 -21.16 -13.75
C VAL A 8 -12.77 -21.03 -12.53
N LEU A 9 -14.02 -20.62 -12.73
CA LEU A 9 -14.95 -20.57 -11.60
C LEU A 9 -15.95 -21.72 -11.69
N VAL A 10 -16.00 -22.53 -10.64
CA VAL A 10 -16.94 -23.64 -10.58
C VAL A 10 -18.22 -23.23 -9.85
N GLU A 11 -19.32 -23.26 -10.59
CA GLU A 11 -20.67 -23.11 -10.06
C GLU A 11 -20.86 -21.88 -9.19
N THR A 12 -20.70 -20.72 -9.81
CA THR A 12 -20.82 -19.46 -9.10
C THR A 12 -22.28 -19.14 -8.82
N SER A 13 -22.56 -18.71 -7.60
CA SER A 13 -23.91 -18.62 -7.08
C SER A 13 -24.42 -17.19 -7.05
N HIS A 14 -23.55 -16.22 -6.80
CA HIS A 14 -23.95 -14.83 -6.80
C HIS A 14 -23.34 -14.13 -8.01
N THR A 15 -24.16 -13.45 -8.81
CA THR A 15 -23.58 -12.57 -9.82
C THR A 15 -23.40 -11.29 -9.07
N GLY A 16 -22.41 -10.51 -9.48
CA GLY A 16 -21.86 -9.51 -8.59
C GLY A 16 -20.49 -10.05 -8.29
N ASN A 17 -20.42 -11.34 -7.97
CA ASN A 17 -19.13 -11.98 -7.82
C ASN A 17 -18.49 -12.16 -9.16
N MET A 18 -19.30 -12.36 -10.19
CA MET A 18 -18.75 -12.57 -11.52
C MET A 18 -18.16 -11.27 -12.05
N GLY A 19 -18.87 -10.17 -11.79
CA GLY A 19 -18.38 -8.86 -12.17
C GLY A 19 -17.08 -8.54 -11.45
N SER A 20 -17.09 -8.75 -10.13
CA SER A 20 -15.92 -8.50 -9.29
C SER A 20 -14.70 -9.29 -9.71
N VAL A 21 -14.91 -10.58 -9.99
CA VAL A 21 -13.83 -11.44 -10.43
C VAL A 21 -13.29 -10.95 -11.77
N ALA A 22 -14.22 -10.56 -12.64
CA ALA A 22 -13.86 -10.03 -13.95
C ALA A 22 -13.02 -8.75 -13.83
N ARG A 23 -13.39 -7.87 -12.91
CA ARG A 23 -12.61 -6.67 -12.73
C ARG A 23 -11.22 -6.96 -12.15
N ALA A 24 -11.15 -7.88 -11.18
CA ALA A 24 -9.87 -8.30 -10.62
C ALA A 24 -8.91 -8.84 -11.70
N MET A 25 -9.47 -9.70 -12.55
CA MET A 25 -8.72 -10.20 -13.68
C MET A 25 -8.19 -9.05 -14.53
N LYS A 26 -9.09 -8.19 -15.01
CA LYS A 26 -8.69 -7.14 -15.95
C LYS A 26 -7.60 -6.25 -15.35
N THR A 27 -7.76 -5.85 -14.10
CA THR A 27 -6.74 -5.01 -13.49
C THR A 27 -5.41 -5.72 -13.37
N MET A 28 -5.41 -7.05 -13.33
CA MET A 28 -4.09 -7.70 -13.29
C MET A 28 -3.61 -8.17 -14.67
N GLY A 29 -4.39 -7.88 -15.70
CA GLY A 29 -4.00 -8.20 -17.05
C GLY A 29 -4.51 -9.55 -17.53
N LEU A 30 -5.41 -10.15 -16.76
CA LEU A 30 -5.98 -11.44 -17.14
C LEU A 30 -7.32 -11.26 -17.85
N THR A 31 -7.61 -12.13 -18.81
CA THR A 31 -8.82 -12.02 -19.64
C THR A 31 -9.53 -13.36 -19.87
N ASN A 32 -8.79 -14.46 -19.71
CA ASN A 32 -9.28 -15.79 -20.00
C ASN A 32 -10.20 -16.38 -18.93
N LEU A 33 -11.48 -16.04 -18.96
CA LEU A 33 -12.42 -16.52 -17.95
C LEU A 33 -13.20 -17.76 -18.37
N TRP A 34 -13.21 -18.77 -17.50
CA TRP A 34 -13.99 -19.97 -17.71
C TRP A 34 -14.99 -20.18 -16.58
N LEU A 35 -16.22 -20.41 -16.99
CA LEU A 35 -17.24 -20.73 -16.03
C LEU A 35 -17.67 -22.18 -16.21
N VAL A 36 -17.55 -22.95 -15.13
CA VAL A 36 -18.10 -24.30 -15.06
C VAL A 36 -19.46 -24.25 -14.36
N ASN A 37 -20.52 -24.42 -15.15
CA ASN A 37 -21.89 -24.43 -14.65
C ASN A 37 -22.30 -23.26 -13.78
N PRO A 38 -22.14 -22.03 -14.29
CA PRO A 38 -22.57 -20.90 -13.47
C PRO A 38 -24.02 -21.06 -13.05
N LEU A 39 -24.29 -20.95 -11.76
CA LEU A 39 -25.66 -21.07 -11.24
C LEU A 39 -26.31 -19.71 -11.25
N VAL A 40 -25.93 -18.94 -12.28
CA VAL A 40 -26.32 -17.55 -12.50
C VAL A 40 -26.04 -17.27 -13.98
N LYS A 41 -26.70 -16.28 -14.56
CA LYS A 41 -26.36 -15.91 -15.93
C LYS A 41 -25.72 -14.53 -15.96
N PRO A 42 -24.41 -14.48 -16.24
CA PRO A 42 -23.65 -13.22 -16.25
C PRO A 42 -24.18 -12.25 -17.32
N ASP A 43 -24.56 -11.04 -16.90
CA ASP A 43 -25.24 -10.09 -17.77
C ASP A 43 -24.36 -9.46 -18.86
N SER A 44 -23.15 -9.02 -18.49
CA SER A 44 -22.17 -8.43 -19.41
C SER A 44 -22.51 -7.00 -19.84
N GLN A 45 -23.68 -6.80 -20.43
CA GLN A 45 -24.04 -5.50 -21.00
C GLN A 45 -24.54 -4.47 -19.98
N ALA A 46 -24.39 -4.76 -18.69
CA ALA A 46 -24.84 -3.81 -17.66
C ALA A 46 -23.88 -2.65 -17.58
N ILE A 47 -24.46 -1.46 -17.39
CA ILE A 47 -23.68 -0.23 -17.21
C ILE A 47 -23.02 -0.28 -15.83
N ALA A 48 -23.65 -1.01 -14.92
CA ALA A 48 -23.14 -1.18 -13.55
C ALA A 48 -21.77 -1.86 -13.57
N LEU A 49 -21.58 -2.77 -14.52
CA LEU A 49 -20.32 -3.49 -14.70
C LEU A 49 -19.18 -2.53 -14.99
N ALA A 50 -18.04 -2.73 -14.36
CA ALA A 50 -16.91 -1.82 -14.53
C ALA A 50 -16.33 -1.92 -15.93
N ALA A 51 -15.37 -1.05 -16.21
CA ALA A 51 -14.65 -1.07 -17.48
C ALA A 51 -13.88 -2.39 -17.57
N GLY A 52 -13.71 -2.89 -18.78
CA GLY A 52 -12.98 -4.14 -18.96
C GLY A 52 -13.65 -5.39 -18.43
N ALA A 53 -14.48 -5.28 -17.41
CA ALA A 53 -15.15 -6.46 -16.87
C ALA A 53 -16.15 -7.05 -17.87
N SER A 54 -16.81 -6.16 -18.60
CA SER A 54 -17.87 -6.55 -19.50
C SER A 54 -17.35 -7.47 -20.58
N ASP A 55 -16.19 -7.11 -21.14
CA ASP A 55 -15.62 -7.87 -22.25
C ASP A 55 -15.12 -9.25 -21.78
N VAL A 56 -14.53 -9.27 -20.58
CA VAL A 56 -14.02 -10.51 -19.99
C VAL A 56 -15.18 -11.48 -19.78
N ILE A 57 -16.31 -10.96 -19.31
CA ILE A 57 -17.47 -11.81 -19.13
C ILE A 57 -18.09 -12.24 -20.47
N GLY A 58 -18.28 -11.30 -21.38
CA GLY A 58 -18.83 -11.62 -22.69
C GLY A 58 -18.03 -12.64 -23.46
N ASN A 59 -16.72 -12.64 -23.29
CA ASN A 59 -15.86 -13.61 -23.97
C ASN A 59 -15.50 -14.83 -23.11
N ALA A 60 -16.27 -15.06 -22.03
CA ALA A 60 -16.03 -16.21 -21.17
C ALA A 60 -16.37 -17.51 -21.91
N HIS A 61 -15.71 -18.60 -21.54
CA HIS A 61 -16.13 -19.91 -22.00
C HIS A 61 -17.05 -20.53 -20.96
N ILE A 62 -18.26 -20.92 -21.37
CA ILE A 62 -19.19 -21.57 -20.44
C ILE A 62 -19.32 -23.07 -20.74
N VAL A 63 -18.86 -23.90 -19.81
CA VAL A 63 -18.92 -25.35 -20.03
C VAL A 63 -19.65 -26.09 -18.90
N ASP A 64 -19.96 -27.35 -19.13
CA ASP A 64 -20.77 -28.12 -18.19
C ASP A 64 -19.94 -28.86 -17.16
N THR A 65 -18.69 -29.19 -17.51
CA THR A 65 -17.88 -29.95 -16.57
C THR A 65 -16.52 -29.30 -16.35
N LEU A 66 -15.90 -29.62 -15.22
CA LEU A 66 -14.59 -29.08 -14.89
C LEU A 66 -13.57 -29.55 -15.90
N ASP A 67 -13.68 -30.82 -16.31
CA ASP A 67 -12.72 -31.42 -17.23
C ASP A 67 -12.58 -30.61 -18.52
N GLU A 68 -13.69 -30.08 -19.03
CA GLU A 68 -13.60 -29.23 -20.22
C GLU A 68 -12.80 -27.97 -19.89
N ALA A 69 -13.00 -27.41 -18.70
CA ALA A 69 -12.26 -26.22 -18.31
C ALA A 69 -10.77 -26.52 -18.22
N LEU A 70 -10.43 -27.78 -17.94
CA LEU A 70 -9.04 -28.17 -17.72
C LEU A 70 -8.42 -28.76 -18.97
N ALA A 71 -9.21 -28.82 -20.04
CA ALA A 71 -8.79 -29.49 -21.26
C ALA A 71 -7.67 -28.72 -21.96
N GLY A 72 -6.54 -29.38 -22.19
CA GLY A 72 -5.44 -28.77 -22.90
C GLY A 72 -4.46 -28.05 -22.00
N CYS A 73 -4.62 -28.21 -20.69
CA CYS A 73 -3.71 -27.58 -19.75
C CYS A 73 -2.78 -28.61 -19.14
N SER A 74 -1.49 -28.32 -19.21
CA SER A 74 -0.48 -29.12 -18.57
C SER A 74 -0.47 -28.87 -17.07
N LEU A 75 -0.86 -27.66 -16.68
CA LEU A 75 -0.76 -27.23 -15.29
C LEU A 75 -2.15 -26.80 -14.81
N VAL A 76 -2.60 -27.44 -13.74
CA VAL A 76 -3.87 -27.12 -13.11
C VAL A 76 -3.60 -26.88 -11.62
N VAL A 77 -4.03 -25.74 -11.13
CA VAL A 77 -3.85 -25.40 -9.73
C VAL A 77 -5.20 -25.05 -9.14
N GLY A 78 -5.53 -25.67 -8.02
CA GLY A 78 -6.77 -25.39 -7.34
C GLY A 78 -6.54 -24.61 -6.05
N THR A 79 -7.56 -23.88 -5.65
CA THR A 79 -7.51 -23.05 -4.47
C THR A 79 -8.44 -23.58 -3.38
N SER A 80 -7.97 -23.53 -2.14
CA SER A 80 -8.79 -23.90 -1.01
C SER A 80 -8.19 -23.31 0.26
N ALA A 81 -9.04 -22.74 1.11
CA ALA A 81 -8.57 -22.15 2.37
C ALA A 81 -7.82 -23.19 3.22
N ARG A 82 -8.27 -24.45 3.15
CA ARG A 82 -7.57 -25.56 3.79
C ARG A 82 -8.06 -26.88 3.21
N SER A 83 -7.14 -27.82 3.02
CA SER A 83 -7.53 -29.13 2.48
C SER A 83 -6.71 -30.26 3.09
N ARG A 84 -7.04 -30.60 4.34
CA ARG A 84 -6.25 -31.57 5.10
C ARG A 84 -6.55 -33.02 4.72
N THR A 85 -7.75 -33.26 4.20
CA THR A 85 -8.15 -34.60 3.76
C THR A 85 -7.28 -35.14 2.64
N LEU A 86 -6.69 -34.23 1.87
CA LEU A 86 -5.95 -34.61 0.67
C LEU A 86 -4.47 -34.38 0.82
N PRO A 87 -3.70 -35.41 0.44
CA PRO A 87 -2.24 -35.40 0.38
C PRO A 87 -1.71 -34.74 -0.90
N TRP A 88 -2.40 -33.73 -1.40
CA TRP A 88 -1.91 -33.03 -2.58
C TRP A 88 -0.83 -31.99 -2.20
N PRO A 89 0.14 -31.77 -3.09
CA PRO A 89 1.20 -30.81 -2.79
C PRO A 89 0.72 -29.35 -2.76
N MET A 90 1.32 -28.55 -1.88
CA MET A 90 0.91 -27.16 -1.75
C MET A 90 1.83 -26.18 -2.46
N LEU A 91 1.24 -25.08 -2.93
CA LEU A 91 1.98 -23.89 -3.32
C LEU A 91 1.41 -22.73 -2.50
N ASP A 92 2.23 -21.78 -2.09
CA ASP A 92 1.70 -20.48 -1.66
C ASP A 92 1.40 -19.65 -2.92
N PRO A 93 0.66 -18.54 -2.78
CA PRO A 93 0.34 -17.78 -4.01
C PRO A 93 1.55 -17.27 -4.80
N ARG A 94 2.64 -16.92 -4.14
CA ARG A 94 3.85 -16.48 -4.83
C ARG A 94 4.41 -17.57 -5.77
N GLU A 95 4.62 -18.77 -5.23
CA GLU A 95 5.07 -19.93 -6.01
C GLU A 95 4.13 -20.22 -7.17
N CYS A 96 2.84 -20.16 -6.89
CA CYS A 96 1.83 -20.34 -7.90
C CYS A 96 2.01 -19.33 -9.04
N GLY A 97 2.28 -18.07 -8.68
CA GLY A 97 2.51 -17.04 -9.66
C GLY A 97 3.65 -17.45 -10.55
N LEU A 98 4.79 -17.76 -9.95
CA LEU A 98 5.97 -18.13 -10.72
C LEU A 98 5.71 -19.30 -11.66
N LYS A 99 5.24 -20.39 -11.07
CA LYS A 99 5.03 -21.62 -11.81
C LYS A 99 4.04 -21.41 -12.96
N SER A 100 2.96 -20.70 -12.68
CA SER A 100 1.93 -20.42 -13.69
C SER A 100 2.47 -19.58 -14.84
N VAL A 101 3.24 -18.55 -14.53
CA VAL A 101 3.76 -17.69 -15.58
C VAL A 101 4.75 -18.46 -16.45
N ALA A 102 5.64 -19.22 -15.82
CA ALA A 102 6.57 -20.03 -16.59
C ALA A 102 5.83 -20.94 -17.55
N GLU A 103 4.77 -21.58 -17.07
CA GLU A 103 4.05 -22.48 -17.94
C GLU A 103 3.25 -21.75 -19.02
N ALA A 104 2.64 -20.63 -18.65
CA ALA A 104 1.71 -19.93 -19.53
C ALA A 104 2.43 -19.35 -20.72
N ALA A 105 3.76 -19.30 -20.63
CA ALA A 105 4.59 -18.92 -21.75
C ALA A 105 4.27 -19.76 -23.00
N ASN A 106 3.97 -21.04 -22.79
CA ASN A 106 3.82 -21.99 -23.88
C ASN A 106 2.49 -22.72 -23.94
N THR A 107 1.84 -22.90 -22.78
CA THR A 107 0.70 -23.80 -22.64
C THR A 107 -0.36 -23.18 -21.73
N PRO A 108 -1.66 -23.39 -22.05
CA PRO A 108 -2.68 -22.92 -21.12
C PRO A 108 -2.51 -23.53 -19.73
N VAL A 109 -2.89 -22.73 -18.74
CA VAL A 109 -2.78 -23.05 -17.33
C VAL A 109 -4.15 -22.81 -16.73
N ALA A 110 -4.62 -23.71 -15.86
CA ALA A 110 -5.88 -23.45 -15.20
C ALA A 110 -5.72 -23.18 -13.69
N LEU A 111 -6.27 -22.07 -13.23
CA LEU A 111 -6.33 -21.76 -11.82
C LEU A 111 -7.80 -21.83 -11.41
N VAL A 112 -8.13 -22.78 -10.54
CA VAL A 112 -9.52 -23.10 -10.25
C VAL A 112 -10.01 -22.61 -8.89
N PHE A 113 -11.23 -22.08 -8.89
CA PHE A 113 -11.85 -21.49 -7.72
C PHE A 113 -13.24 -22.10 -7.52
N GLY A 114 -13.72 -22.10 -6.28
CA GLY A 114 -14.92 -22.85 -5.97
C GLY A 114 -16.18 -22.05 -5.71
N ARG A 115 -17.24 -22.78 -5.37
CA ARG A 115 -18.49 -22.17 -4.96
C ARG A 115 -18.25 -21.29 -3.75
N GLU A 116 -18.97 -20.18 -3.67
CA GLU A 116 -18.97 -19.42 -2.44
C GLU A 116 -19.62 -20.30 -1.36
N ARG A 117 -19.19 -20.09 -0.12
CA ARG A 117 -19.63 -20.86 1.06
C ARG A 117 -18.98 -22.26 1.19
N VAL A 118 -19.04 -23.08 0.15
CA VAL A 118 -18.62 -24.48 0.25
C VAL A 118 -17.35 -24.82 -0.55
N GLY A 119 -16.92 -23.93 -1.41
CA GLY A 119 -15.70 -24.13 -2.18
C GLY A 119 -15.77 -25.24 -3.20
N LEU A 120 -14.64 -25.92 -3.36
CA LEU A 120 -14.54 -27.07 -4.25
C LEU A 120 -14.75 -28.39 -3.50
N THR A 121 -15.37 -29.35 -4.17
CA THR A 121 -15.49 -30.69 -3.61
C THR A 121 -14.12 -31.33 -3.64
N ASN A 122 -13.94 -32.39 -2.87
CA ASN A 122 -12.64 -33.05 -2.87
C ASN A 122 -12.39 -33.76 -4.18
N GLU A 123 -13.45 -34.18 -4.85
CA GLU A 123 -13.32 -34.76 -6.19
C GLU A 123 -12.72 -33.74 -7.18
N GLU A 124 -13.18 -32.51 -7.11
CA GLU A 124 -12.69 -31.44 -7.98
C GLU A 124 -11.26 -30.99 -7.59
N LEU A 125 -10.98 -30.94 -6.29
CA LEU A 125 -9.63 -30.60 -5.83
C LEU A 125 -8.60 -31.67 -6.21
N GLN A 126 -9.00 -32.93 -6.12
CA GLN A 126 -8.25 -34.05 -6.70
C GLN A 126 -7.96 -33.94 -8.20
N LYS A 127 -8.66 -33.07 -8.91
CA LYS A 127 -8.35 -32.93 -10.34
C LYS A 127 -7.30 -31.87 -10.57
N CYS A 128 -6.91 -31.17 -9.51
CA CYS A 128 -5.86 -30.16 -9.58
C CYS A 128 -4.49 -30.76 -9.23
N HIS A 129 -3.44 -30.34 -9.95
CA HIS A 129 -2.09 -30.86 -9.71
C HIS A 129 -1.51 -30.29 -8.43
N TYR A 130 -2.00 -29.13 -8.00
CA TYR A 130 -1.51 -28.45 -6.81
C TYR A 130 -2.65 -27.72 -6.15
N HIS A 131 -2.50 -27.47 -4.86
CA HIS A 131 -3.44 -26.68 -4.11
C HIS A 131 -2.75 -25.44 -3.57
N VAL A 132 -3.47 -24.33 -3.59
CA VAL A 132 -2.98 -23.10 -3.02
C VAL A 132 -3.90 -22.64 -1.91
N ALA A 133 -3.32 -22.48 -0.74
CA ALA A 133 -4.03 -21.84 0.35
C ALA A 133 -3.41 -20.48 0.55
N ILE A 134 -4.23 -19.44 0.44
CA ILE A 134 -3.78 -18.12 0.84
C ILE A 134 -3.68 -18.10 2.36
N ALA A 135 -2.48 -17.93 2.89
CA ALA A 135 -2.29 -17.90 4.34
C ALA A 135 -3.18 -16.83 4.97
N ALA A 136 -4.06 -17.24 5.86
CA ALA A 136 -5.01 -16.33 6.44
C ALA A 136 -5.11 -16.49 7.96
N ASN A 137 -5.76 -15.52 8.57
CA ASN A 137 -6.28 -15.61 9.92
C ASN A 137 -6.91 -16.98 10.17
N PRO A 138 -6.34 -17.74 11.12
CA PRO A 138 -6.81 -19.09 11.43
C PRO A 138 -8.27 -19.10 11.89
N GLU A 139 -8.71 -18.00 12.49
CA GLU A 139 -10.09 -17.85 12.95
C GLU A 139 -11.06 -17.50 11.82
N TYR A 140 -10.55 -16.88 10.77
CA TYR A 140 -11.37 -16.33 9.69
C TYR A 140 -10.59 -16.45 8.40
N SER A 141 -10.56 -17.64 7.82
CA SER A 141 -9.56 -17.93 6.80
C SER A 141 -10.13 -18.02 5.37
N SER A 142 -11.45 -17.93 5.24
CA SER A 142 -12.06 -17.94 3.92
C SER A 142 -12.21 -16.53 3.34
N LEU A 143 -11.48 -16.27 2.27
CA LEU A 143 -11.66 -15.05 1.51
C LEU A 143 -12.93 -15.13 0.70
N ASN A 144 -13.47 -13.97 0.41
CA ASN A 144 -14.49 -13.82 -0.61
C ASN A 144 -13.90 -14.28 -1.95
N LEU A 145 -14.67 -15.02 -2.75
CA LEU A 145 -14.21 -15.53 -4.06
C LEU A 145 -13.38 -14.54 -4.87
N ALA A 146 -13.96 -13.36 -5.09
CA ALA A 146 -13.34 -12.33 -5.91
C ALA A 146 -12.04 -11.86 -5.29
N MET A 147 -11.97 -11.84 -3.96
CA MET A 147 -10.75 -11.42 -3.27
C MET A 147 -9.65 -12.45 -3.42
N ALA A 148 -10.04 -13.73 -3.38
CA ALA A 148 -9.08 -14.79 -3.57
C ALA A 148 -8.50 -14.74 -5.00
N VAL A 149 -9.40 -14.48 -5.96
CA VAL A 149 -8.98 -14.33 -7.35
C VAL A 149 -8.03 -13.15 -7.44
N GLN A 150 -8.41 -12.02 -6.86
CA GLN A 150 -7.55 -10.83 -6.80
C GLN A 150 -6.14 -11.14 -6.29
N VAL A 151 -6.04 -11.89 -5.18
CA VAL A 151 -4.71 -12.21 -4.62
C VAL A 151 -3.89 -13.08 -5.58
N ILE A 152 -4.48 -14.18 -6.03
CA ILE A 152 -3.83 -15.07 -6.98
C ILE A 152 -3.38 -14.35 -8.28
N ALA A 153 -4.27 -13.51 -8.82
CA ALA A 153 -4.00 -12.74 -10.04
C ALA A 153 -2.89 -11.70 -9.81
N TYR A 154 -2.90 -11.06 -8.65
CA TYR A 154 -1.79 -10.19 -8.27
C TYR A 154 -0.43 -10.90 -8.26
N GLU A 155 -0.38 -12.10 -7.67
CA GLU A 155 0.90 -12.81 -7.65
C GLU A 155 1.30 -13.23 -9.04
N VAL A 156 0.29 -13.55 -9.86
CA VAL A 156 0.55 -13.93 -11.24
C VAL A 156 1.15 -12.77 -12.02
N ARG A 157 0.55 -11.60 -11.87
CA ARG A 157 1.07 -10.42 -12.55
C ARG A 157 2.46 -10.07 -12.06
N MET A 158 2.72 -10.19 -10.76
CA MET A 158 4.06 -9.93 -10.25
C MET A 158 5.10 -10.85 -10.91
N ALA A 159 4.78 -12.13 -10.96
CA ALA A 159 5.67 -13.12 -11.57
C ALA A 159 5.88 -12.83 -13.07
N TRP A 160 4.84 -12.34 -13.73
CA TRP A 160 4.91 -12.01 -15.14
C TRP A 160 5.76 -10.75 -15.40
N LEU A 161 5.52 -9.71 -14.61
CA LEU A 161 6.27 -8.47 -14.72
C LEU A 161 7.75 -8.80 -14.57
N ALA A 162 8.09 -9.72 -13.65
CA ALA A 162 9.48 -10.13 -13.53
C ALA A 162 10.07 -10.62 -14.87
N THR A 163 9.26 -11.23 -15.72
CA THR A 163 9.75 -11.73 -17.00
C THR A 163 9.82 -10.68 -18.13
N GLN A 164 9.39 -9.44 -17.88
CA GLN A 164 9.39 -8.40 -18.93
C GLN A 164 10.63 -7.49 -18.95
N THR A 175 22.22 4.15 -8.24
CA THR A 175 22.80 5.21 -9.08
C THR A 175 23.28 6.41 -8.27
N PRO A 176 24.59 6.70 -8.31
CA PRO A 176 25.21 7.68 -7.41
C PRO A 176 24.53 9.04 -7.39
N TYR A 177 24.57 9.69 -6.24
CA TYR A 177 23.98 11.00 -6.06
C TYR A 177 24.78 12.03 -6.85
N PRO A 178 24.11 12.74 -7.77
CA PRO A 178 24.78 13.67 -8.69
C PRO A 178 25.25 14.98 -8.06
N LEU A 179 24.62 15.42 -6.97
CA LEU A 179 24.89 16.76 -6.43
C LEU A 179 25.81 16.81 -5.21
N VAL A 180 26.80 15.93 -5.15
CA VAL A 180 27.70 15.83 -4.00
C VAL A 180 28.43 17.15 -3.70
N ASP A 181 29.00 17.78 -4.73
CA ASP A 181 29.66 19.08 -4.54
C ASP A 181 28.72 20.10 -3.92
N ASP A 182 27.52 20.23 -4.48
CA ASP A 182 26.56 21.21 -3.98
C ASP A 182 26.16 20.91 -2.55
N LEU A 183 25.95 19.62 -2.27
CA LEU A 183 25.59 19.22 -0.92
C LEU A 183 26.70 19.59 0.07
N GLU A 184 27.96 19.45 -0.36
CA GLU A 184 29.12 19.87 0.43
C GLU A 184 29.13 21.35 0.69
N ARG A 185 28.93 22.15 -0.34
CA ARG A 185 28.83 23.59 -0.16
C ARG A 185 27.76 23.94 0.85
N PHE A 186 26.63 23.23 0.76
CA PHE A 186 25.57 23.46 1.72
C PHE A 186 26.01 23.13 3.15
N TYR A 187 26.75 22.04 3.33
CA TYR A 187 27.18 21.68 4.67
C TYR A 187 28.15 22.72 5.23
N GLY A 188 29.02 23.23 4.35
CA GLY A 188 29.92 24.31 4.73
C GLY A 188 29.18 25.52 5.25
N HIS A 189 28.21 25.99 4.48
CA HIS A 189 27.46 27.15 4.90
C HIS A 189 26.66 26.86 6.17
N LEU A 190 26.18 25.62 6.29
CA LEU A 190 25.38 25.21 7.45
C LEU A 190 26.23 25.26 8.70
N GLU A 191 27.48 24.80 8.59
CA GLU A 191 28.42 24.83 9.71
C GLU A 191 28.69 26.26 10.11
N GLN A 192 28.94 27.13 9.12
CA GLN A 192 29.14 28.53 9.46
C GLN A 192 27.94 29.12 10.19
N THR A 193 26.73 28.73 9.79
CA THR A 193 25.53 29.24 10.44
C THR A 193 25.46 28.76 11.89
N LEU A 194 25.71 27.46 12.07
CA LEU A 194 25.68 26.86 13.40
C LEU A 194 26.73 27.46 14.32
N LEU A 195 27.88 27.80 13.75
CA LEU A 195 28.92 28.49 14.51
C LEU A 195 28.45 29.89 14.87
N ALA A 196 27.82 30.58 13.93
CA ALA A 196 27.41 31.97 14.16
C ALA A 196 26.28 32.10 15.18
N THR A 197 25.48 31.05 15.35
CA THR A 197 24.41 31.06 16.36
C THR A 197 24.86 30.43 17.68
N GLY A 198 26.07 29.90 17.70
CA GLY A 198 26.60 29.30 18.92
C GLY A 198 26.11 27.89 19.25
N PHE A 199 25.30 27.31 18.36
CA PHE A 199 24.80 25.96 18.56
C PHE A 199 25.95 24.94 18.51
N ILE A 200 27.01 25.27 17.78
CA ILE A 200 28.26 24.51 17.90
C ILE A 200 29.41 25.47 18.22
N ARG A 201 30.44 24.95 18.87
CA ARG A 201 31.55 25.81 19.26
C ARG A 201 32.70 25.67 18.27
N GLU A 202 33.53 26.70 18.23
CA GLU A 202 34.76 26.66 17.48
C GLU A 202 35.51 25.39 17.83
N ASN A 203 36.10 24.75 16.83
CA ASN A 203 36.83 23.49 17.02
C ASN A 203 35.98 22.34 17.57
N HIS A 204 34.71 22.31 17.17
CA HIS A 204 33.81 21.20 17.48
C HIS A 204 34.38 19.91 16.90
N PRO A 205 34.12 18.78 17.57
CA PRO A 205 34.65 17.49 17.08
C PRO A 205 33.86 16.93 15.89
N GLY A 206 32.89 17.68 15.38
CA GLY A 206 32.16 17.32 14.17
C GLY A 206 31.06 16.31 14.35
N GLN A 207 30.52 16.20 15.56
CA GLN A 207 29.50 15.19 15.85
C GLN A 207 28.10 15.65 15.42
N VAL A 208 27.71 16.86 15.83
CA VAL A 208 26.43 17.42 15.40
C VAL A 208 26.37 17.52 13.88
N MET A 209 27.44 18.05 13.30
CA MET A 209 27.56 18.13 11.86
C MET A 209 27.40 16.78 11.22
N ASN A 210 28.01 15.75 11.81
CA ASN A 210 27.91 14.44 11.18
C ASN A 210 26.47 13.94 11.19
N LYS A 211 25.79 14.11 12.33
CA LYS A 211 24.40 13.71 12.40
C LYS A 211 23.57 14.43 11.33
N LEU A 212 23.84 15.72 11.18
CA LEU A 212 23.15 16.51 10.17
C LEU A 212 23.43 16.00 8.76
N ARG A 213 24.67 15.62 8.50
CA ARG A 213 25.04 15.12 7.18
C ARG A 213 24.40 13.78 6.89
N ARG A 214 24.29 12.91 7.89
CA ARG A 214 23.60 11.63 7.69
C ARG A 214 22.14 11.89 7.31
N LEU A 215 21.52 12.76 8.12
CA LEU A 215 20.15 13.16 7.88
C LEU A 215 19.96 13.66 6.44
N PHE A 216 20.72 14.66 6.04
CA PHE A 216 20.46 15.31 4.76
C PHE A 216 20.95 14.51 3.57
N THR A 217 21.99 13.72 3.75
CA THR A 217 22.56 13.03 2.61
C THR A 217 21.65 11.87 2.25
N ARG A 218 21.08 11.18 3.23
CA ARG A 218 20.22 10.08 2.80
C ARG A 218 18.94 10.62 2.11
N ALA A 219 18.62 11.89 2.32
CA ALA A 219 17.47 12.51 1.65
C ALA A 219 17.74 12.85 0.19
N ARG A 220 19.01 12.74 -0.23
CA ARG A 220 19.43 13.04 -1.60
C ARG A 220 18.83 14.33 -2.16
N PRO A 221 19.13 15.48 -1.54
CA PRO A 221 18.42 16.71 -1.89
C PRO A 221 18.50 17.08 -3.36
N GLU A 222 17.43 17.69 -3.86
CA GLU A 222 17.39 18.20 -5.22
C GLU A 222 17.93 19.61 -5.19
N SER A 223 18.31 20.13 -6.35
CA SER A 223 18.94 21.45 -6.39
C SER A 223 17.97 22.53 -5.93
N GLN A 224 16.69 22.35 -6.23
CA GLN A 224 15.62 23.20 -5.73
C GLN A 224 15.63 23.29 -4.20
N GLU A 225 15.65 22.13 -3.56
CA GLU A 225 15.68 22.06 -2.10
C GLU A 225 16.96 22.67 -1.53
N LEU A 226 18.09 22.47 -2.20
CA LEU A 226 19.34 23.08 -1.73
C LEU A 226 19.23 24.58 -1.81
N ASN A 227 18.60 25.08 -2.87
CA ASN A 227 18.39 26.53 -2.99
C ASN A 227 17.54 27.08 -1.85
N ILE A 228 16.44 26.40 -1.53
CA ILE A 228 15.62 26.83 -0.39
C ILE A 228 16.43 26.83 0.93
N LEU A 229 17.11 25.73 1.22
CA LEU A 229 17.92 25.60 2.43
C LEU A 229 18.97 26.74 2.52
N ARG A 230 19.64 27.01 1.41
CA ARG A 230 20.61 28.09 1.34
C ARG A 230 19.93 29.44 1.63
N GLY A 231 18.80 29.67 0.99
CA GLY A 231 18.00 30.86 1.26
C GLY A 231 17.65 31.04 2.72
N ILE A 232 17.30 29.96 3.40
CA ILE A 232 17.01 30.06 4.82
C ILE A 232 18.25 30.45 5.61
N LEU A 233 19.37 29.77 5.32
CA LEU A 233 20.64 30.09 5.98
C LEU A 233 20.96 31.58 5.83
N ALA A 234 20.78 32.08 4.62
CA ALA A 234 21.01 33.48 4.29
C ALA A 234 20.05 34.41 5.05
N SER A 235 18.82 33.98 5.27
CA SER A 235 17.88 34.86 5.95
C SER A 235 18.20 34.94 7.43
N ILE A 236 18.90 33.93 7.95
CA ILE A 236 19.25 33.91 9.37
C ILE A 236 20.27 34.99 9.71
N GLU A 237 21.32 35.09 8.89
CA GLU A 237 22.40 36.04 9.12
C GLU A 237 21.87 37.46 9.26
N GLN A 238 20.78 37.72 8.54
CA GLN A 238 20.15 39.03 8.44
C GLN A 238 19.69 39.60 9.79
N MET B 1 3.24 -5.63 15.43
CA MET B 1 2.09 -6.48 15.70
C MET B 1 0.86 -5.98 14.96
N LEU B 2 0.12 -6.91 14.34
CA LEU B 2 -0.98 -6.60 13.44
C LEU B 2 -1.99 -5.61 14.01
N GLN B 3 -2.17 -5.58 15.32
CA GLN B 3 -3.12 -4.64 15.91
C GLN B 3 -2.64 -3.18 15.74
N ASN B 4 -1.35 -3.00 15.53
CA ASN B 4 -0.78 -1.67 15.33
C ASN B 4 -0.91 -1.13 13.92
N ILE B 5 -1.37 -1.95 13.00
CA ILE B 5 -1.48 -1.53 11.62
C ILE B 5 -2.88 -1.02 11.30
N ARG B 6 -2.98 0.28 11.05
CA ARG B 6 -4.26 0.89 10.75
C ARG B 6 -4.58 0.84 9.27
N ILE B 7 -5.76 0.34 8.95
CA ILE B 7 -6.38 0.59 7.68
C ILE B 7 -7.21 1.85 7.79
N VAL B 8 -6.79 2.89 7.07
CA VAL B 8 -7.46 4.18 7.09
C VAL B 8 -8.23 4.39 5.80
N LEU B 9 -9.54 4.58 5.93
CA LEU B 9 -10.41 4.77 4.78
C LEU B 9 -10.90 6.22 4.72
N VAL B 10 -10.58 6.93 3.65
CA VAL B 10 -10.96 8.32 3.57
C VAL B 10 -12.30 8.49 2.85
N GLU B 11 -13.27 9.01 3.59
CA GLU B 11 -14.58 9.41 3.07
C GLU B 11 -15.25 8.36 2.19
N THR B 12 -15.32 7.13 2.67
CA THR B 12 -15.83 6.08 1.82
C THR B 12 -17.35 6.17 1.79
N SER B 13 -17.96 5.84 0.66
CA SER B 13 -19.32 6.27 0.37
C SER B 13 -20.29 5.19 -0.15
N HIS B 14 -19.76 4.01 -0.43
CA HIS B 14 -20.58 2.89 -0.89
C HIS B 14 -20.65 1.90 0.26
N THR B 15 -21.84 1.65 0.80
CA THR B 15 -21.96 0.94 2.09
C THR B 15 -21.44 -0.50 2.05
N GLY B 16 -21.47 -1.12 0.87
CA GLY B 16 -20.96 -2.49 0.71
C GLY B 16 -19.45 -2.55 0.84
N ASN B 17 -18.80 -1.47 0.41
CA ASN B 17 -17.36 -1.40 0.42
C ASN B 17 -16.77 -1.57 1.81
N MET B 18 -17.39 -0.95 2.81
CA MET B 18 -16.92 -1.04 4.19
C MET B 18 -16.88 -2.47 4.70
N GLY B 19 -17.95 -3.21 4.45
CA GLY B 19 -18.02 -4.62 4.79
C GLY B 19 -16.95 -5.42 4.06
N SER B 20 -16.77 -5.13 2.78
CA SER B 20 -15.76 -5.86 2.02
C SER B 20 -14.36 -5.60 2.57
N VAL B 21 -14.08 -4.34 2.88
CA VAL B 21 -12.80 -3.95 3.46
C VAL B 21 -12.57 -4.65 4.78
N ALA B 22 -13.60 -4.66 5.62
CA ALA B 22 -13.56 -5.34 6.92
C ALA B 22 -13.26 -6.85 6.79
N ARG B 23 -13.95 -7.53 5.88
CA ARG B 23 -13.69 -8.95 5.64
C ARG B 23 -12.25 -9.19 5.16
N ALA B 24 -11.78 -8.37 4.22
CA ALA B 24 -10.42 -8.46 3.74
C ALA B 24 -9.41 -8.33 4.90
N MET B 25 -9.56 -7.25 5.67
CA MET B 25 -8.75 -7.05 6.86
C MET B 25 -8.74 -8.30 7.74
N LYS B 26 -9.93 -8.76 8.13
CA LYS B 26 -10.02 -9.82 9.11
C LYS B 26 -9.36 -11.09 8.61
N THR B 27 -9.58 -11.41 7.33
CA THR B 27 -8.97 -12.61 6.76
C THR B 27 -7.48 -12.51 6.81
N MET B 28 -6.95 -11.30 6.74
CA MET B 28 -5.51 -11.22 6.86
C MET B 28 -5.04 -11.03 8.31
N GLY B 29 -5.99 -10.91 9.24
CA GLY B 29 -5.65 -10.78 10.64
C GLY B 29 -5.49 -9.33 11.06
N LEU B 30 -6.03 -8.43 10.26
CA LEU B 30 -6.06 -7.02 10.59
C LEU B 30 -7.40 -6.72 11.24
N THR B 31 -7.45 -5.67 12.08
CA THR B 31 -8.64 -5.40 12.87
C THR B 31 -8.83 -3.90 13.10
N ASN B 32 -7.71 -3.19 13.11
CA ASN B 32 -7.63 -1.77 13.44
C ASN B 32 -8.12 -0.85 12.32
N LEU B 33 -9.43 -0.72 12.18
CA LEU B 33 -9.99 0.10 11.11
C LEU B 33 -10.25 1.54 11.55
N TRP B 34 -9.87 2.48 10.69
CA TRP B 34 -10.11 3.90 10.90
C TRP B 34 -10.84 4.52 9.72
N LEU B 35 -11.87 5.28 10.03
CA LEU B 35 -12.69 5.91 9.02
C LEU B 35 -12.55 7.41 9.16
N VAL B 36 -12.02 8.06 8.14
CA VAL B 36 -11.97 9.50 8.08
C VAL B 36 -13.21 10.04 7.38
N ASN B 37 -14.15 10.52 8.18
CA ASN B 37 -15.32 11.23 7.68
C ASN B 37 -16.15 10.41 6.68
N PRO B 38 -16.67 9.26 7.13
CA PRO B 38 -17.45 8.35 6.28
C PRO B 38 -18.77 8.96 5.82
N LEU B 39 -19.01 8.96 4.51
CA LEU B 39 -20.26 9.47 3.92
C LEU B 39 -21.41 8.46 4.04
N VAL B 40 -21.08 7.20 4.36
CA VAL B 40 -22.08 6.20 4.75
C VAL B 40 -21.87 5.80 6.21
N LYS B 41 -22.95 5.46 6.89
CA LYS B 41 -22.84 5.28 8.34
C LYS B 41 -22.83 3.80 8.74
N PRO B 42 -21.92 3.46 9.68
CA PRO B 42 -21.77 2.11 10.22
C PRO B 42 -23.07 1.49 10.74
N ALA B 50 -24.07 -5.74 8.93
CA ALA B 50 -24.60 -6.24 7.66
C ALA B 50 -23.59 -7.16 6.95
N ALA B 51 -22.48 -7.46 7.61
CA ALA B 51 -21.45 -8.34 7.06
C ALA B 51 -21.15 -9.54 7.95
N GLY B 52 -19.92 -10.04 7.89
CA GLY B 52 -19.53 -11.21 8.69
C GLY B 52 -18.42 -10.89 9.68
N ALA B 53 -17.58 -9.92 9.31
CA ALA B 53 -16.53 -9.43 10.19
C ALA B 53 -17.02 -8.17 10.91
N SER B 54 -18.16 -8.32 11.60
CA SER B 54 -18.82 -7.22 12.28
C SER B 54 -17.93 -6.50 13.30
N ASP B 55 -17.22 -7.29 14.11
CA ASP B 55 -16.31 -6.76 15.12
C ASP B 55 -15.41 -5.62 14.63
N VAL B 56 -14.78 -5.81 13.47
CA VAL B 56 -13.83 -4.84 12.95
C VAL B 56 -14.49 -3.48 12.77
N ILE B 57 -15.71 -3.49 12.24
CA ILE B 57 -16.44 -2.25 12.00
C ILE B 57 -17.03 -1.67 13.30
N GLY B 58 -17.52 -2.54 14.17
CA GLY B 58 -18.02 -2.10 15.46
C GLY B 58 -16.96 -1.42 16.30
N ASN B 59 -15.71 -1.85 16.09
CA ASN B 59 -14.57 -1.27 16.77
C ASN B 59 -13.72 -0.38 15.86
N ALA B 60 -14.38 0.27 14.91
CA ALA B 60 -13.73 1.21 14.00
C ALA B 60 -13.65 2.59 14.61
N HIS B 61 -12.44 3.16 14.68
CA HIS B 61 -12.34 4.57 15.06
C HIS B 61 -12.89 5.44 13.94
N ILE B 62 -13.75 6.40 14.25
CA ILE B 62 -14.16 7.41 13.28
C ILE B 62 -13.59 8.77 13.64
N VAL B 63 -13.07 9.49 12.65
CA VAL B 63 -12.61 10.86 12.89
C VAL B 63 -13.04 11.76 11.76
N ASP B 64 -12.99 13.06 11.98
CA ASP B 64 -13.45 14.03 10.99
C ASP B 64 -12.37 14.33 9.97
N THR B 65 -11.11 14.27 10.40
CA THR B 65 -10.03 14.66 9.51
C THR B 65 -8.93 13.59 9.41
N LEU B 66 -8.20 13.63 8.31
CA LEU B 66 -7.12 12.70 8.04
C LEU B 66 -6.01 12.81 9.07
N ASP B 67 -5.70 14.06 9.42
CA ASP B 67 -4.66 14.34 10.40
C ASP B 67 -4.87 13.55 11.70
N GLU B 68 -6.13 13.39 12.10
CA GLU B 68 -6.44 12.70 13.34
C GLU B 68 -6.21 11.21 13.22
N ALA B 69 -6.34 10.65 12.02
CA ALA B 69 -6.03 9.23 11.84
C ALA B 69 -4.53 9.05 11.79
N LEU B 70 -3.81 10.10 11.41
CA LEU B 70 -2.35 9.98 11.26
C LEU B 70 -1.53 10.27 12.52
N ALA B 71 -1.96 11.25 13.31
CA ALA B 71 -1.27 11.59 14.55
C ALA B 71 -1.22 10.34 15.44
N GLY B 72 -0.03 9.96 15.87
CA GLY B 72 0.03 8.74 16.65
C GLY B 72 0.67 7.63 15.87
N CYS B 73 0.77 7.81 14.56
CA CYS B 73 1.50 6.86 13.78
C CYS B 73 2.93 7.32 13.61
N SER B 74 3.85 6.39 13.43
CA SER B 74 5.22 6.75 13.10
C SER B 74 5.42 6.64 11.60
N LEU B 75 4.60 5.79 10.97
CA LEU B 75 4.75 5.49 9.56
C LEU B 75 3.43 5.68 8.85
N VAL B 76 3.43 6.58 7.88
CA VAL B 76 2.24 6.84 7.07
C VAL B 76 2.47 6.40 5.61
N VAL B 77 1.62 5.51 5.14
CA VAL B 77 1.71 5.06 3.75
C VAL B 77 0.41 5.34 3.03
N GLY B 78 0.48 6.12 1.95
CA GLY B 78 -0.68 6.36 1.11
C GLY B 78 -0.70 5.50 -0.14
N THR B 79 -1.89 5.12 -0.59
CA THR B 79 -2.05 4.28 -1.77
C THR B 79 -2.68 5.05 -2.91
N SER B 80 -2.19 4.81 -4.13
CA SER B 80 -2.62 5.55 -5.30
C SER B 80 -2.16 4.84 -6.58
N ALA B 81 -3.04 4.73 -7.57
CA ALA B 81 -2.65 4.03 -8.79
C ALA B 81 -1.64 4.86 -9.59
N ARG B 82 -1.75 6.19 -9.53
CA ARG B 82 -0.79 7.04 -10.22
C ARG B 82 -0.38 8.20 -9.38
N SER B 83 0.69 8.86 -9.80
CA SER B 83 1.22 10.00 -9.08
C SER B 83 0.42 11.27 -9.41
N ARG B 84 0.04 12.00 -8.38
CA ARG B 84 -0.52 13.32 -8.55
C ARG B 84 0.19 14.30 -7.62
N THR B 85 1.50 14.09 -7.47
CA THR B 85 2.39 14.98 -6.74
C THR B 85 3.76 14.98 -7.43
N LEU B 86 4.67 15.84 -6.96
CA LEU B 86 6.08 15.74 -7.26
C LEU B 86 6.57 14.36 -6.87
N PRO B 87 7.75 13.95 -7.38
CA PRO B 87 8.30 12.64 -7.01
C PRO B 87 8.32 12.40 -5.49
N TRP B 88 7.85 11.22 -5.11
CA TRP B 88 7.70 10.85 -3.70
C TRP B 88 8.39 9.51 -3.45
N PRO B 89 8.85 9.26 -2.21
CA PRO B 89 9.40 7.94 -1.91
C PRO B 89 8.38 6.85 -2.15
N MET B 90 8.77 5.83 -2.89
CA MET B 90 7.82 4.80 -3.26
C MET B 90 8.15 3.41 -2.71
N LEU B 91 7.11 2.69 -2.32
CA LEU B 91 7.20 1.29 -1.96
C LEU B 91 6.28 0.48 -2.83
N ASP B 92 6.69 -0.74 -3.20
CA ASP B 92 5.73 -1.62 -3.84
C ASP B 92 4.91 -2.28 -2.70
N PRO B 93 3.85 -3.03 -3.03
CA PRO B 93 3.10 -3.61 -1.90
C PRO B 93 3.91 -4.55 -1.00
N ARG B 94 4.86 -5.30 -1.57
CA ARG B 94 5.74 -6.17 -0.78
C ARG B 94 6.59 -5.38 0.21
N GLU B 95 7.30 -4.38 -0.31
CA GLU B 95 8.12 -3.47 0.51
C GLU B 95 7.29 -2.83 1.60
N CYS B 96 6.08 -2.44 1.24
CA CYS B 96 5.16 -1.85 2.19
C CYS B 96 4.89 -2.82 3.33
N GLY B 97 4.57 -4.07 2.98
CA GLY B 97 4.26 -5.08 3.99
C GLY B 97 5.40 -5.23 4.97
N LEU B 98 6.60 -5.45 4.42
CA LEU B 98 7.80 -5.52 5.25
C LEU B 98 7.96 -4.31 6.19
N LYS B 99 7.91 -3.10 5.63
CA LYS B 99 8.20 -1.91 6.43
C LYS B 99 7.16 -1.70 7.52
N SER B 100 5.90 -1.95 7.17
CA SER B 100 4.79 -1.81 8.09
C SER B 100 4.85 -2.79 9.23
N VAL B 101 5.14 -4.06 8.92
CA VAL B 101 5.24 -5.06 9.96
C VAL B 101 6.43 -4.72 10.87
N ALA B 102 7.52 -4.26 10.26
CA ALA B 102 8.73 -3.90 11.01
C ALA B 102 8.48 -2.77 11.99
N GLU B 103 7.65 -1.80 11.62
CA GLU B 103 7.44 -0.67 12.51
C GLU B 103 6.28 -0.87 13.48
N ALA B 104 5.36 -1.75 13.11
CA ALA B 104 4.18 -2.04 13.92
C ALA B 104 4.53 -2.74 15.24
N ALA B 105 5.75 -3.26 15.32
CA ALA B 105 6.23 -3.88 16.56
C ALA B 105 6.15 -2.88 17.73
N ASN B 106 6.44 -1.62 17.42
CA ASN B 106 6.57 -0.58 18.43
C ASN B 106 5.52 0.53 18.33
N THR B 107 5.24 0.95 17.11
CA THR B 107 4.41 2.13 16.90
C THR B 107 3.30 1.87 15.89
N PRO B 108 2.21 2.64 15.98
CA PRO B 108 1.13 2.55 14.99
C PRO B 108 1.55 2.98 13.58
N VAL B 109 1.01 2.28 12.60
CA VAL B 109 1.28 2.54 11.20
C VAL B 109 -0.06 2.83 10.52
N ALA B 110 -0.08 3.83 9.64
CA ALA B 110 -1.30 4.15 8.91
C ALA B 110 -1.18 3.77 7.42
N LEU B 111 -2.05 2.90 6.96
CA LEU B 111 -2.14 2.58 5.54
C LEU B 111 -3.38 3.26 5.02
N VAL B 112 -3.19 4.29 4.20
CA VAL B 112 -4.28 5.17 3.82
C VAL B 112 -4.86 4.84 2.45
N PHE B 113 -6.19 4.79 2.39
CA PHE B 113 -6.90 4.47 1.18
C PHE B 113 -7.90 5.56 0.85
N GLY B 114 -8.02 5.89 -0.44
CA GLY B 114 -8.86 7.00 -0.82
C GLY B 114 -10.27 6.60 -1.19
N ARG B 115 -11.00 7.56 -1.75
CA ARG B 115 -12.40 7.37 -2.11
C ARG B 115 -12.56 6.54 -3.39
N GLU B 116 -13.58 5.69 -3.41
CA GLU B 116 -13.96 5.02 -4.64
C GLU B 116 -14.27 6.13 -5.67
N ARG B 117 -13.84 5.91 -6.91
CA ARG B 117 -13.94 6.86 -8.03
C ARG B 117 -12.83 7.94 -8.06
N VAL B 118 -12.67 8.73 -7.00
CA VAL B 118 -11.70 9.83 -7.08
C VAL B 118 -10.38 9.69 -6.27
N GLY B 119 -10.29 8.74 -5.34
CA GLY B 119 -9.05 8.47 -4.62
C GLY B 119 -8.59 9.51 -3.59
N LEU B 120 -7.28 9.62 -3.42
CA LEU B 120 -6.69 10.60 -2.51
C LEU B 120 -6.27 11.87 -3.26
N THR B 121 -6.44 13.01 -2.62
CA THR B 121 -5.99 14.26 -3.25
C THR B 121 -4.50 14.44 -3.09
N ASN B 122 -3.97 15.40 -3.85
CA ASN B 122 -2.59 15.84 -3.72
C ASN B 122 -2.24 16.25 -2.29
N GLU B 123 -3.13 17.03 -1.67
CA GLU B 123 -2.95 17.47 -0.29
C GLU B 123 -2.85 16.30 0.68
N GLU B 124 -3.75 15.33 0.53
CA GLU B 124 -3.71 14.14 1.37
C GLU B 124 -2.46 13.34 1.07
N LEU B 125 -2.13 13.20 -0.20
CA LEU B 125 -0.97 12.39 -0.55
C LEU B 125 0.32 13.00 -0.01
N GLN B 126 0.32 14.31 0.23
CA GLN B 126 1.51 14.96 0.78
C GLN B 126 1.71 14.74 2.29
N LYS B 127 0.76 14.11 2.96
CA LYS B 127 0.90 13.77 4.37
C LYS B 127 1.39 12.34 4.55
N CYS B 128 1.79 11.69 3.47
CA CYS B 128 2.28 10.33 3.55
C CYS B 128 3.79 10.30 3.47
N HIS B 129 4.41 9.31 4.10
CA HIS B 129 5.87 9.20 4.04
C HIS B 129 6.26 8.42 2.80
N TYR B 130 5.36 7.51 2.38
CA TYR B 130 5.56 6.72 1.19
C TYR B 130 4.28 6.62 0.37
N HIS B 131 4.44 6.44 -0.93
CA HIS B 131 3.32 6.13 -1.80
C HIS B 131 3.44 4.72 -2.30
N VAL B 132 2.31 4.03 -2.33
CA VAL B 132 2.29 2.68 -2.85
C VAL B 132 1.32 2.58 -4.01
N ALA B 133 1.86 2.17 -5.16
CA ALA B 133 1.04 1.86 -6.32
C ALA B 133 1.08 0.36 -6.57
N ILE B 134 -0.08 -0.28 -6.56
CA ILE B 134 -0.13 -1.66 -6.98
C ILE B 134 0.10 -1.66 -8.48
N ALA B 135 0.99 -2.51 -8.96
CA ALA B 135 1.32 -2.50 -10.38
C ALA B 135 0.23 -3.15 -11.24
N ALA B 136 -0.95 -2.55 -11.29
CA ALA B 136 -2.01 -3.09 -12.13
C ALA B 136 -1.75 -2.96 -13.65
N ASN B 137 -2.53 -3.68 -14.45
CA ASN B 137 -2.66 -3.42 -15.88
C ASN B 137 -2.87 -1.91 -16.12
N PRO B 138 -1.96 -1.27 -16.87
CA PRO B 138 -1.92 0.17 -17.20
C PRO B 138 -3.20 0.77 -17.81
N GLU B 139 -3.96 -0.04 -18.54
CA GLU B 139 -5.20 0.44 -19.14
C GLU B 139 -6.36 0.39 -18.16
N TYR B 140 -6.24 -0.49 -17.16
CA TYR B 140 -7.24 -0.61 -16.10
C TYR B 140 -6.53 -0.67 -14.74
N SER B 141 -5.97 0.44 -14.30
CA SER B 141 -5.04 0.38 -13.19
C SER B 141 -5.69 0.64 -11.83
N SER B 142 -6.99 0.93 -11.81
CA SER B 142 -7.70 1.14 -10.55
C SER B 142 -8.40 -0.12 -10.09
N LEU B 143 -7.97 -0.63 -8.93
CA LEU B 143 -8.69 -1.70 -8.25
C LEU B 143 -9.83 -1.09 -7.43
N ASN B 144 -10.85 -1.89 -7.16
CA ASN B 144 -11.87 -1.50 -6.21
C ASN B 144 -11.20 -1.31 -4.86
N LEU B 145 -11.61 -0.27 -4.14
CA LEU B 145 -11.11 0.01 -2.80
C LEU B 145 -10.81 -1.25 -1.97
N ALA B 146 -11.80 -2.15 -1.89
CA ALA B 146 -11.68 -3.30 -0.99
C ALA B 146 -10.63 -4.27 -1.50
N MET B 147 -10.60 -4.45 -2.81
CA MET B 147 -9.56 -5.23 -3.49
C MET B 147 -8.15 -4.71 -3.19
N ALA B 148 -7.99 -3.40 -3.28
CA ALA B 148 -6.72 -2.78 -2.97
C ALA B 148 -6.31 -3.09 -1.53
N VAL B 149 -7.29 -3.00 -0.63
CA VAL B 149 -7.05 -3.36 0.76
C VAL B 149 -6.61 -4.82 0.85
N GLN B 150 -7.33 -5.70 0.16
CA GLN B 150 -7.00 -7.11 0.13
C GLN B 150 -5.54 -7.35 -0.22
N VAL B 151 -5.09 -6.74 -1.32
CA VAL B 151 -3.71 -6.88 -1.77
C VAL B 151 -2.69 -6.42 -0.73
N ILE B 152 -2.92 -5.20 -0.22
CA ILE B 152 -2.01 -4.62 0.78
C ILE B 152 -1.94 -5.47 2.06
N ALA B 153 -3.11 -5.86 2.55
CA ALA B 153 -3.23 -6.65 3.77
C ALA B 153 -2.59 -8.04 3.60
N TYR B 154 -2.72 -8.61 2.41
CA TYR B 154 -2.09 -9.88 2.10
C TYR B 154 -0.57 -9.76 2.18
N GLU B 155 -0.02 -8.69 1.62
CA GLU B 155 1.43 -8.51 1.69
C GLU B 155 1.88 -8.29 3.13
N VAL B 156 1.11 -7.50 3.87
CA VAL B 156 1.34 -7.31 5.30
C VAL B 156 1.41 -8.65 6.05
N ARG B 157 0.43 -9.51 5.81
CA ARG B 157 0.42 -10.80 6.49
C ARG B 157 1.61 -11.66 6.07
N MET B 158 1.99 -11.62 4.80
CA MET B 158 3.20 -12.32 4.39
C MET B 158 4.38 -11.89 5.25
N ALA B 159 4.56 -10.58 5.37
CA ALA B 159 5.69 -10.07 6.10
C ALA B 159 5.63 -10.50 7.57
N TRP B 160 4.44 -10.39 8.14
CA TRP B 160 4.29 -10.68 9.56
C TRP B 160 4.56 -12.16 9.83
N LEU B 161 3.97 -13.01 8.99
CA LEU B 161 4.24 -14.44 9.02
C LEU B 161 5.73 -14.70 9.02
N ALA B 162 6.44 -13.97 8.15
CA ALA B 162 7.89 -14.13 8.09
C ALA B 162 8.54 -13.80 9.44
N THR B 163 8.00 -12.82 10.16
CA THR B 163 8.62 -12.51 11.44
C THR B 163 8.29 -13.58 12.45
N GLN B 164 7.13 -14.24 12.28
CA GLN B 164 6.72 -15.28 13.22
C GLN B 164 7.45 -16.58 12.90
N GLU B 165 8.15 -16.55 11.77
CA GLU B 165 9.15 -17.55 11.38
C GLU B 165 10.29 -17.44 12.38
N ASN B 166 10.06 -17.98 13.58
CA ASN B 166 11.13 -18.34 14.52
C ASN B 166 12.53 -17.80 14.23
N GLU B 174 14.80 -2.33 16.37
CA GLU B 174 15.44 -1.03 16.59
C GLU B 174 14.56 -0.10 17.46
N THR B 175 14.80 1.23 17.38
CA THR B 175 14.15 2.20 18.29
C THR B 175 13.28 3.19 17.50
N PRO B 176 12.06 3.44 18.00
CA PRO B 176 10.94 4.01 17.22
C PRO B 176 11.26 5.32 16.49
N TYR B 177 10.42 5.63 15.51
CA TYR B 177 10.45 6.89 14.80
C TYR B 177 9.53 7.88 15.47
N PRO B 178 9.78 9.18 15.29
CA PRO B 178 8.90 10.23 15.78
C PRO B 178 7.48 10.03 15.27
N LEU B 179 6.48 10.33 16.09
CA LEU B 179 5.11 10.23 15.60
C LEU B 179 4.80 11.46 14.79
N VAL B 180 3.84 11.34 13.88
CA VAL B 180 3.33 12.47 13.11
C VAL B 180 3.12 13.70 14.00
N ASP B 181 2.65 13.45 15.21
CA ASP B 181 2.52 14.49 16.22
C ASP B 181 3.81 15.31 16.46
N ASP B 182 4.91 14.59 16.73
CA ASP B 182 6.21 15.21 16.97
C ASP B 182 6.69 15.96 15.74
N LEU B 183 6.54 15.32 14.60
CA LEU B 183 6.95 15.93 13.35
C LEU B 183 6.18 17.22 13.14
N GLU B 184 4.90 17.21 13.50
CA GLU B 184 4.07 18.40 13.36
C GLU B 184 4.54 19.52 14.26
N ARG B 185 4.97 19.17 15.46
CA ARG B 185 5.52 20.18 16.36
C ARG B 185 6.80 20.75 15.78
N PHE B 186 7.61 19.88 15.19
CA PHE B 186 8.81 20.37 14.52
C PHE B 186 8.48 21.30 13.34
N TYR B 187 7.41 21.02 12.61
CA TYR B 187 7.04 21.86 11.48
C TYR B 187 6.47 23.19 11.94
N GLY B 188 5.79 23.18 13.09
CA GLY B 188 5.32 24.41 13.66
C GLY B 188 6.50 25.28 14.03
N HIS B 189 7.47 24.66 14.69
CA HIS B 189 8.68 25.34 15.11
C HIS B 189 9.44 25.91 13.90
N LEU B 190 9.48 25.12 12.82
CA LEU B 190 10.12 25.53 11.58
C LEU B 190 9.43 26.74 10.99
N GLU B 191 8.11 26.68 10.97
CA GLU B 191 7.33 27.79 10.45
C GLU B 191 7.59 29.08 11.22
N GLN B 192 7.43 29.04 12.55
CA GLN B 192 7.66 30.20 13.39
C GLN B 192 9.07 30.76 13.21
N THR B 193 10.06 29.87 13.05
CA THR B 193 11.41 30.34 12.80
C THR B 193 11.51 31.09 11.47
N LEU B 194 10.87 30.56 10.44
CA LEU B 194 10.94 31.21 9.14
C LEU B 194 10.17 32.53 9.12
N LEU B 195 9.11 32.62 9.90
CA LEU B 195 8.37 33.85 10.02
C LEU B 195 9.26 34.87 10.72
N ALA B 196 9.94 34.42 11.76
CA ALA B 196 10.82 35.31 12.49
C ALA B 196 11.93 35.87 11.60
N THR B 197 12.64 35.02 10.85
CA THR B 197 13.73 35.51 10.02
C THR B 197 13.25 36.23 8.77
N GLY B 198 11.94 36.24 8.55
CA GLY B 198 11.39 36.90 7.38
C GLY B 198 11.37 36.07 6.10
N PHE B 199 11.93 34.87 6.13
CA PHE B 199 12.00 34.03 4.94
C PHE B 199 10.64 33.76 4.33
N ILE B 200 9.64 33.54 5.18
CA ILE B 200 8.27 33.45 4.69
C ILE B 200 7.43 34.55 5.33
N ARG B 201 6.34 34.90 4.67
CA ARG B 201 5.54 36.05 5.08
C ARG B 201 4.38 35.68 5.98
N GLU B 202 3.88 36.67 6.71
CA GLU B 202 2.65 36.50 7.47
C GLU B 202 1.54 36.13 6.49
N ASN B 203 0.73 35.15 6.86
CA ASN B 203 -0.31 34.62 5.96
C ASN B 203 0.26 34.08 4.65
N HIS B 204 1.36 33.34 4.77
CA HIS B 204 1.90 32.57 3.66
C HIS B 204 0.92 31.45 3.33
N PRO B 205 0.85 31.05 2.05
CA PRO B 205 -0.06 29.99 1.61
C PRO B 205 0.41 28.60 2.01
N GLY B 206 1.57 28.50 2.66
CA GLY B 206 2.09 27.22 3.08
C GLY B 206 2.87 26.44 2.05
N GLN B 207 3.28 27.10 0.96
CA GLN B 207 3.98 26.38 -0.12
C GLN B 207 5.45 26.09 0.18
N VAL B 208 6.13 27.04 0.81
CA VAL B 208 7.50 26.83 1.22
C VAL B 208 7.51 25.72 2.28
N MET B 209 6.59 25.84 3.22
CA MET B 209 6.46 24.86 4.28
C MET B 209 6.22 23.46 3.71
N ASN B 210 5.46 23.40 2.61
CA ASN B 210 5.24 22.16 1.89
C ASN B 210 6.50 21.62 1.23
N LYS B 211 7.29 22.51 0.63
CA LYS B 211 8.58 22.13 0.07
C LYS B 211 9.44 21.47 1.17
N LEU B 212 9.54 22.15 2.31
CA LEU B 212 10.36 21.67 3.40
C LEU B 212 9.84 20.35 3.97
N ARG B 213 8.52 20.21 4.02
CA ARG B 213 7.90 18.98 4.51
C ARG B 213 8.17 17.82 3.57
N ARG B 214 8.18 18.11 2.27
CA ARG B 214 8.50 17.11 1.26
C ARG B 214 9.92 16.60 1.51
N LEU B 215 10.85 17.54 1.62
CA LEU B 215 12.24 17.20 1.91
C LEU B 215 12.41 16.35 3.18
N PHE B 216 11.91 16.83 4.31
CA PHE B 216 12.17 16.09 5.55
C PHE B 216 11.42 14.78 5.60
N THR B 217 10.24 14.72 5.00
CA THR B 217 9.53 13.46 4.85
C THR B 217 10.37 12.44 4.10
N ARG B 218 11.06 12.90 3.06
CA ARG B 218 11.90 11.99 2.32
C ARG B 218 13.10 11.57 3.19
N ALA B 219 13.66 12.51 3.96
CA ALA B 219 14.77 12.20 4.87
C ALA B 219 14.31 11.30 6.01
N ARG B 220 13.07 11.51 6.44
CA ARG B 220 12.47 10.70 7.50
C ARG B 220 13.35 10.71 8.75
N PRO B 221 13.37 11.83 9.49
CA PRO B 221 14.24 12.05 10.65
C PRO B 221 13.96 11.08 11.78
N GLU B 222 15.02 10.62 12.44
CA GLU B 222 14.85 9.87 13.67
C GLU B 222 14.69 10.85 14.82
N SER B 223 14.25 10.34 15.98
CA SER B 223 13.96 11.18 17.14
C SER B 223 15.15 12.07 17.55
N GLN B 224 16.36 11.53 17.54
CA GLN B 224 17.50 12.35 17.90
C GLN B 224 17.82 13.38 16.83
N GLU B 225 17.62 13.02 15.57
CA GLU B 225 17.80 13.97 14.48
C GLU B 225 16.83 15.13 14.64
N LEU B 226 15.60 14.78 14.98
CA LEU B 226 14.56 15.76 15.19
C LEU B 226 14.96 16.68 16.33
N ASN B 227 15.39 16.08 17.44
CA ASN B 227 15.92 16.83 18.59
C ASN B 227 16.97 17.84 18.16
N ILE B 228 17.99 17.40 17.43
CA ILE B 228 19.01 18.31 16.95
C ILE B 228 18.43 19.44 16.11
N LEU B 229 17.49 19.12 15.22
CA LEU B 229 16.89 20.14 14.36
C LEU B 229 16.24 21.23 15.22
N ARG B 230 15.43 20.80 16.17
CA ARG B 230 14.74 21.76 17.03
C ARG B 230 15.72 22.56 17.88
N GLY B 231 16.82 21.92 18.28
CA GLY B 231 17.91 22.61 18.93
C GLY B 231 18.40 23.75 18.06
N ILE B 232 18.61 23.45 16.78
CA ILE B 232 19.12 24.45 15.86
C ILE B 232 18.13 25.61 15.73
N LEU B 233 16.85 25.27 15.59
CA LEU B 233 15.77 26.28 15.46
C LEU B 233 15.75 27.21 16.67
N ALA B 234 15.75 26.60 17.85
CA ALA B 234 15.88 27.30 19.12
C ALA B 234 17.06 28.26 19.13
N SER B 235 18.22 27.81 18.67
CA SER B 235 19.41 28.66 18.75
C SER B 235 19.29 29.81 17.78
N ILE B 236 18.61 29.58 16.65
CA ILE B 236 18.43 30.65 15.66
C ILE B 236 17.55 31.74 16.22
N GLU B 237 16.49 31.34 16.92
CA GLU B 237 15.55 32.30 17.46
C GLU B 237 16.19 33.25 18.50
N GLN B 238 17.34 32.85 19.06
CA GLN B 238 18.07 33.72 19.98
C GLN B 238 19.03 34.62 19.21
N GLN B 239 18.70 34.86 17.94
CA GLN B 239 19.42 35.83 17.09
C GLN B 239 18.38 36.89 16.69
N ASN B 240 17.12 36.43 16.72
CA ASN B 240 15.85 37.21 16.80
C ASN B 240 15.08 37.34 15.47
#